data_7WQ0
#
_entry.id   7WQ0
#
_cell.length_a   59.276
_cell.length_b   72.716
_cell.length_c   118.710
_cell.angle_alpha   90.000
_cell.angle_beta   90.000
_cell.angle_gamma   90.000
#
_symmetry.space_group_name_H-M   'P 21 21 21'
#
loop_
_entity.id
_entity.type
_entity.pdbx_description
1 polymer 'Methionine--tRNA ligase'
2 non-polymer "ADENOSINE-5'-TRIPHOSPHATE"
3 non-polymer TRANS-2-PHENYLCYCLOPROPYLAMINE
4 non-polymer 1,2-ETHANEDIOL
5 water water
#
_entity_poly.entity_id   1
_entity_poly.type   'polypeptide(L)'
_entity_poly.pdbx_seq_one_letter_code
;MGSSHHHHHHSAKETFYITTPIYYPSGNLHIGHAYSTVAGDVIARYKRMQGYDVRYLTGTDEHGQKIQEKAQKAGKTEIE
YLDEMIAGIKQLWAKLEISNDDFIRTTEERHKHVVEQVFERLLKQGDIYLGEYEGWYSVPDETYYTESQLVDPQYENGKI
IGGKSPDSGHEVELVKEESYFFNISKYTDRLLEFYDQNPDFIQPPSRKNEMINNFIKPGLADLAVSRTSFNWGVHVPSNP
KHVVYVWIDALVNYISALGYLSDDESLFNKYWPADIHLMAKEIVRFHSIIWPILLMALDLPLPKKVFAHGWILMKDGKMS
KSKGNVVDPNILIDRYGLDATRYYLMRELPFGSDGVFTPEAFVERTNFDLANDLGNLVNRTISMVNKYFDGELPAYQGPL
HELDEEMEAMALETVKSYTESMESLQFSVALSTVWKFISRTNKYIDETTPWVLAKDDSQKDMLGNVMAHLVENIRYAAVL
LRPFLTHAPKEIFEQLNINNPQFMEFSSLEQYGVLNESIMVTGQPKPIFP
;
_entity_poly.pdbx_strand_id   A
#
# COMPACT_ATOMS: atom_id res chain seq x y z
N LYS A 13 -8.41 22.97 2.42
CA LYS A 13 -7.68 21.79 1.86
C LYS A 13 -8.66 20.65 1.57
N GLU A 14 -8.62 20.09 0.36
CA GLU A 14 -9.38 18.89 -0.04
C GLU A 14 -8.84 17.69 0.75
N THR A 15 -9.73 16.81 1.22
CA THR A 15 -9.38 15.63 2.07
C THR A 15 -9.09 14.43 1.19
N PHE A 16 -8.24 13.52 1.67
CA PHE A 16 -7.96 12.19 1.06
C PHE A 16 -7.75 11.17 2.18
N TYR A 17 -8.56 10.11 2.19
CA TYR A 17 -8.52 9.01 3.20
C TYR A 17 -8.17 7.71 2.48
N ILE A 18 -7.05 7.09 2.88
CA ILE A 18 -6.55 5.81 2.30
C ILE A 18 -6.28 4.84 3.45
N THR A 19 -6.59 3.56 3.24
CA THR A 19 -6.47 2.48 4.26
C THR A 19 -5.71 1.30 3.66
N THR A 20 -4.96 0.58 4.49
CA THR A 20 -4.49 -0.78 4.20
C THR A 20 -5.47 -1.74 4.86
N PRO A 21 -5.38 -3.06 4.56
CA PRO A 21 -6.04 -4.05 5.40
C PRO A 21 -5.35 -4.04 6.78
N ILE A 22 -6.12 -4.17 7.86
CA ILE A 22 -5.63 -4.54 9.22
C ILE A 22 -5.22 -6.02 9.19
N TYR A 23 -3.94 -6.33 9.41
CA TYR A 23 -3.34 -7.67 9.18
C TYR A 23 -3.54 -8.56 10.41
N TYR A 24 -3.73 -9.87 10.19
CA TYR A 24 -3.76 -10.91 11.26
C TYR A 24 -2.36 -11.04 11.86
N PRO A 25 -2.13 -10.64 13.13
CA PRO A 25 -0.82 -10.81 13.77
C PRO A 25 -0.63 -12.25 14.26
N SER A 26 -0.65 -13.20 13.32
CA SER A 26 -0.61 -14.68 13.55
C SER A 26 0.80 -15.21 13.28
N GLY A 27 1.74 -14.33 12.96
CA GLY A 27 3.13 -14.66 12.60
C GLY A 27 3.87 -13.43 12.11
N ASN A 28 5.14 -13.57 11.71
CA ASN A 28 5.96 -12.45 11.20
C ASN A 28 5.38 -11.99 9.86
N LEU A 29 5.19 -10.68 9.67
CA LEU A 29 4.79 -10.11 8.36
C LEU A 29 5.95 -10.28 7.38
N HIS A 30 5.66 -10.31 6.08
CA HIS A 30 6.64 -10.51 4.99
C HIS A 30 6.46 -9.40 3.95
N ILE A 31 7.20 -9.45 2.83
CA ILE A 31 7.27 -8.36 1.83
C ILE A 31 5.89 -8.16 1.18
N GLY A 32 5.03 -9.18 1.20
CA GLY A 32 3.61 -9.08 0.80
C GLY A 32 2.90 -7.97 1.57
N HIS A 33 3.00 -8.01 2.91
CA HIS A 33 2.42 -7.01 3.83
C HIS A 33 3.12 -5.67 3.60
N ALA A 34 4.44 -5.70 3.40
CA ALA A 34 5.28 -4.51 3.12
C ALA A 34 4.79 -3.83 1.83
N TYR A 35 4.43 -4.60 0.79
CA TYR A 35 3.97 -4.02 -0.50
C TYR A 35 2.75 -3.13 -0.26
N SER A 36 1.71 -3.68 0.37
CA SER A 36 0.44 -3.00 0.69
C SER A 36 0.72 -1.71 1.46
N THR A 37 1.52 -1.81 2.52
CA THR A 37 1.77 -0.72 3.50
C THR A 37 2.67 0.34 2.86
N VAL A 38 3.69 -0.06 2.09
CA VAL A 38 4.56 0.90 1.34
C VAL A 38 3.72 1.60 0.27
N ALA A 39 2.93 0.83 -0.50
CA ALA A 39 2.05 1.36 -1.57
C ALA A 39 1.13 2.45 -1.01
N GLY A 40 0.49 2.17 0.14
CA GLY A 40 -0.37 3.13 0.87
C GLY A 40 0.41 4.35 1.30
N ASP A 41 1.65 4.14 1.76
CA ASP A 41 2.56 5.21 2.24
C ASP A 41 2.93 6.14 1.07
N VAL A 42 3.25 5.55 -0.08
CA VAL A 42 3.64 6.29 -1.32
C VAL A 42 2.49 7.24 -1.70
N ILE A 43 1.25 6.73 -1.74
CA ILE A 43 0.04 7.52 -2.14
C ILE A 43 -0.21 8.62 -1.11
N ALA A 44 -0.12 8.30 0.19
CA ALA A 44 -0.27 9.27 1.29
C ALA A 44 0.73 10.41 1.08
N ARG A 45 2.02 10.08 0.96
CA ARG A 45 3.13 11.06 0.79
C ARG A 45 2.90 11.88 -0.49
N TYR A 46 2.57 11.22 -1.59
CA TYR A 46 2.22 11.84 -2.89
C TYR A 46 1.07 12.85 -2.69
N LYS A 47 0.01 12.43 -2.01
CA LYS A 47 -1.21 13.24 -1.79
C LYS A 47 -0.90 14.44 -0.88
N ARG A 48 -0.06 14.26 0.14
CA ARG A 48 0.38 15.35 1.05
C ARG A 48 1.17 16.40 0.23
N MET A 49 2.04 15.95 -0.68
CA MET A 49 2.87 16.83 -1.54
C MET A 49 1.99 17.56 -2.56
N GLN A 50 0.84 16.99 -2.92
CA GLN A 50 -0.17 17.59 -3.84
C GLN A 50 -1.01 18.63 -3.10
N GLY A 51 -0.83 18.78 -1.78
CA GLY A 51 -1.49 19.78 -0.94
C GLY A 51 -2.81 19.27 -0.37
N TYR A 52 -3.02 17.95 -0.35
CA TYR A 52 -4.23 17.32 0.24
C TYR A 52 -4.05 17.20 1.75
N ASP A 53 -5.18 17.27 2.46
CA ASP A 53 -5.28 16.92 3.89
C ASP A 53 -5.49 15.39 3.96
N VAL A 54 -4.44 14.65 4.28
CA VAL A 54 -4.37 13.16 4.12
C VAL A 54 -4.53 12.49 5.49
N ARG A 55 -5.37 11.45 5.54
CA ARG A 55 -5.37 10.46 6.64
C ARG A 55 -5.06 9.09 6.04
N TYR A 56 -4.01 8.43 6.56
CA TYR A 56 -3.57 7.08 6.16
C TYR A 56 -3.69 6.14 7.37
N LEU A 57 -4.56 5.13 7.26
CA LEU A 57 -4.87 4.17 8.35
C LEU A 57 -4.28 2.80 8.01
N THR A 58 -3.65 2.17 9.00
CA THR A 58 -3.29 0.73 9.03
C THR A 58 -3.67 0.19 10.41
N GLY A 59 -3.52 -1.11 10.64
CA GLY A 59 -3.78 -1.72 11.96
C GLY A 59 -3.69 -3.23 11.93
N THR A 60 -4.30 -3.89 12.93
CA THR A 60 -4.20 -5.34 13.17
C THR A 60 -5.58 -5.93 13.49
N ASP A 61 -5.82 -7.13 12.95
CA ASP A 61 -7.07 -7.93 13.05
C ASP A 61 -6.85 -9.01 14.11
N GLU A 62 -7.30 -8.76 15.35
CA GLU A 62 -6.78 -9.44 16.56
C GLU A 62 -7.78 -10.44 17.16
N HIS A 63 -9.06 -10.42 16.76
CA HIS A 63 -10.09 -11.36 17.28
C HIS A 63 -10.15 -12.61 16.38
N GLY A 64 -10.94 -13.62 16.79
CA GLY A 64 -11.17 -14.86 16.03
C GLY A 64 -10.35 -16.04 16.55
N GLN A 65 -10.71 -17.25 16.12
CA GLN A 65 -10.07 -18.54 16.55
C GLN A 65 -8.63 -18.64 16.03
N LYS A 66 -8.37 -18.10 14.83
CA LYS A 66 -7.02 -18.07 14.19
C LYS A 66 -6.01 -17.51 15.20
N ILE A 67 -6.31 -16.34 15.78
CA ILE A 67 -5.44 -15.67 16.79
C ILE A 67 -5.52 -16.43 18.12
N GLN A 68 -6.73 -16.79 18.58
CA GLN A 68 -6.94 -17.43 19.91
C GLN A 68 -6.14 -18.73 19.99
N GLU A 69 -6.17 -19.55 18.93
CA GLU A 69 -5.45 -20.84 18.87
C GLU A 69 -3.93 -20.61 18.83
N LYS A 70 -3.47 -19.51 18.21
CA LYS A 70 -2.01 -19.15 18.19
C LYS A 70 -1.56 -18.80 19.60
N ALA A 71 -2.37 -18.02 20.34
CA ALA A 71 -2.07 -17.57 21.72
C ALA A 71 -1.99 -18.78 22.65
N GLN A 72 -2.98 -19.68 22.59
CA GLN A 72 -3.06 -20.90 23.46
C GLN A 72 -1.85 -21.81 23.18
N LYS A 73 -1.50 -21.98 21.90
CA LYS A 73 -0.34 -22.81 21.45
C LYS A 73 0.96 -22.22 22.01
N ALA A 74 1.11 -20.89 22.00
CA ALA A 74 2.30 -20.17 22.52
C ALA A 74 2.33 -20.23 24.06
N GLY A 75 1.23 -20.67 24.68
CA GLY A 75 1.11 -20.83 26.14
C GLY A 75 0.94 -19.49 26.83
N LYS A 76 0.27 -18.54 26.16
CA LYS A 76 0.09 -17.14 26.63
C LYS A 76 -1.38 -16.73 26.48
N THR A 77 -1.78 -15.69 27.20
CA THR A 77 -3.09 -15.01 27.02
C THR A 77 -3.12 -14.41 25.62
N GLU A 78 -4.31 -14.24 25.04
CA GLU A 78 -4.48 -13.64 23.70
C GLU A 78 -3.80 -12.27 23.72
N ILE A 79 -3.98 -11.50 24.79
CA ILE A 79 -3.52 -10.07 24.87
C ILE A 79 -1.99 -9.99 25.00
N GLU A 80 -1.34 -10.86 25.78
CA GLU A 80 0.14 -10.87 25.87
C GLU A 80 0.72 -11.26 24.50
N TYR A 81 0.18 -12.31 23.88
CA TYR A 81 0.55 -12.77 22.53
C TYR A 81 0.45 -11.60 21.55
N LEU A 82 -0.69 -10.90 21.57
CA LEU A 82 -1.00 -9.80 20.61
C LEU A 82 -0.05 -8.63 20.82
N ASP A 83 0.16 -8.19 22.07
CA ASP A 83 1.06 -7.05 22.40
C ASP A 83 2.47 -7.31 21.86
N GLU A 84 2.96 -8.55 22.00
CA GLU A 84 4.30 -8.97 21.50
C GLU A 84 4.33 -8.94 19.97
N MET A 85 3.26 -9.42 19.31
CA MET A 85 3.18 -9.47 17.83
C MET A 85 3.03 -8.05 17.27
N ILE A 86 2.15 -7.24 17.86
CA ILE A 86 1.89 -5.84 17.42
C ILE A 86 3.18 -5.02 17.58
N ALA A 87 3.95 -5.25 18.64
CA ALA A 87 5.28 -4.64 18.87
C ALA A 87 6.18 -4.89 17.65
N GLY A 88 6.27 -6.15 17.21
CA GLY A 88 7.02 -6.57 16.01
C GLY A 88 6.55 -5.84 14.75
N ILE A 89 5.23 -5.71 14.58
CA ILE A 89 4.60 -5.07 13.38
C ILE A 89 4.94 -3.58 13.37
N LYS A 90 4.82 -2.92 14.52
CA LYS A 90 5.05 -1.46 14.68
C LYS A 90 6.55 -1.14 14.51
N GLN A 91 7.44 -2.04 14.91
CA GLN A 91 8.91 -1.93 14.67
C GLN A 91 9.16 -1.90 13.15
N LEU A 92 8.50 -2.79 12.41
CA LEU A 92 8.66 -2.92 10.94
C LEU A 92 8.18 -1.65 10.23
N TRP A 93 6.99 -1.14 10.58
CA TRP A 93 6.42 0.10 9.96
C TRP A 93 7.30 1.30 10.26
N ALA A 94 7.90 1.37 11.44
CA ALA A 94 8.87 2.42 11.83
C ALA A 94 10.10 2.31 10.91
N LYS A 95 10.67 1.11 10.80
CA LYS A 95 11.90 0.84 10.00
C LYS A 95 11.62 1.11 8.52
N LEU A 96 10.41 0.81 8.06
CA LEU A 96 9.98 1.06 6.65
C LEU A 96 9.58 2.53 6.48
N GLU A 97 9.49 3.28 7.58
CA GLU A 97 9.17 4.73 7.62
C GLU A 97 7.80 4.95 6.97
N ILE A 98 6.81 4.17 7.42
CA ILE A 98 5.37 4.30 7.04
C ILE A 98 4.84 5.55 7.74
N SER A 99 4.17 6.43 6.98
CA SER A 99 3.65 7.75 7.46
C SER A 99 2.16 7.62 7.83
N ASN A 100 1.75 6.46 8.34
CA ASN A 100 0.35 6.21 8.77
C ASN A 100 0.02 7.21 9.90
N ASP A 101 -1.19 7.77 9.85
CA ASP A 101 -1.65 8.83 10.78
C ASP A 101 -2.25 8.18 12.04
N ASP A 102 -2.58 6.90 11.97
CA ASP A 102 -3.21 6.15 13.09
C ASP A 102 -2.90 4.66 12.90
N PHE A 103 -2.90 3.91 14.01
CA PHE A 103 -2.79 2.43 14.04
C PHE A 103 -3.96 1.90 14.85
N ILE A 104 -4.94 1.26 14.19
CA ILE A 104 -6.16 0.74 14.87
C ILE A 104 -5.95 -0.74 15.22
N ARG A 105 -6.13 -1.08 16.50
CA ARG A 105 -6.20 -2.47 16.99
C ARG A 105 -7.65 -2.79 17.33
N THR A 106 -8.16 -3.93 16.87
CA THR A 106 -9.58 -4.33 17.07
C THR A 106 -9.83 -4.66 18.56
N THR A 107 -8.79 -4.85 19.38
CA THR A 107 -8.91 -5.11 20.84
C THR A 107 -9.13 -3.80 21.62
N GLU A 108 -8.98 -2.64 20.98
CA GLU A 108 -9.20 -1.30 21.61
C GLU A 108 -10.69 -1.06 21.79
N GLU A 109 -11.07 -0.37 22.88
CA GLU A 109 -12.48 -0.08 23.23
C GLU A 109 -13.08 0.87 22.19
N ARG A 110 -12.33 1.85 21.69
CA ARG A 110 -12.81 2.80 20.63
C ARG A 110 -13.30 1.98 19.43
N HIS A 111 -12.74 0.81 19.15
CA HIS A 111 -13.18 -0.10 18.06
C HIS A 111 -14.31 -1.01 18.55
N LYS A 112 -14.10 -1.73 19.65
CA LYS A 112 -15.04 -2.77 20.19
C LYS A 112 -16.42 -2.16 20.41
N HIS A 113 -16.49 -0.93 20.94
CA HIS A 113 -17.75 -0.23 21.28
C HIS A 113 -18.55 0.06 20.01
N VAL A 114 -17.86 0.44 18.91
CA VAL A 114 -18.50 0.71 17.59
C VAL A 114 -19.07 -0.61 17.04
N VAL A 115 -18.30 -1.69 17.11
CA VAL A 115 -18.73 -3.06 16.65
C VAL A 115 -20.00 -3.45 17.42
N GLU A 116 -20.04 -3.18 18.73
CA GLU A 116 -21.21 -3.44 19.61
C GLU A 116 -22.42 -2.64 19.12
N GLN A 117 -22.27 -1.34 18.88
CA GLN A 117 -23.39 -0.45 18.43
C GLN A 117 -23.96 -0.98 17.11
N VAL A 118 -23.06 -1.30 16.16
CA VAL A 118 -23.42 -1.70 14.77
C VAL A 118 -24.27 -2.98 14.83
N PHE A 119 -23.82 -3.98 15.59
CA PHE A 119 -24.52 -5.29 15.74
C PHE A 119 -25.90 -5.04 16.37
N GLU A 120 -25.95 -4.32 17.49
CA GLU A 120 -27.19 -4.01 18.24
C GLU A 120 -28.17 -3.26 17.31
N ARG A 121 -27.68 -2.31 16.51
CA ARG A 121 -28.49 -1.52 15.55
C ARG A 121 -29.08 -2.45 14.49
N LEU A 122 -28.27 -3.33 13.90
CA LEU A 122 -28.72 -4.25 12.82
C LEU A 122 -29.71 -5.27 13.41
N LEU A 123 -29.52 -5.69 14.66
CA LEU A 123 -30.47 -6.56 15.42
C LEU A 123 -31.81 -5.82 15.57
N LYS A 124 -31.78 -4.59 16.08
CA LYS A 124 -32.97 -3.73 16.31
C LYS A 124 -33.72 -3.52 14.98
N GLN A 125 -32.99 -3.25 13.89
CA GLN A 125 -33.57 -3.03 12.54
C GLN A 125 -34.14 -4.33 11.98
N GLY A 126 -33.63 -5.48 12.45
CA GLY A 126 -34.08 -6.83 12.04
C GLY A 126 -33.29 -7.35 10.84
N ASP A 127 -32.18 -6.70 10.50
CA ASP A 127 -31.23 -7.15 9.45
C ASP A 127 -30.52 -8.43 9.93
N ILE A 128 -30.34 -8.57 11.25
CA ILE A 128 -29.69 -9.74 11.90
C ILE A 128 -30.77 -10.54 12.64
N TYR A 129 -30.82 -11.86 12.43
CA TYR A 129 -31.79 -12.79 13.04
C TYR A 129 -31.04 -14.04 13.54
N LEU A 130 -31.52 -14.65 14.62
CA LEU A 130 -30.90 -15.85 15.21
C LEU A 130 -31.23 -17.08 14.36
N GLY A 131 -30.22 -17.90 14.08
CA GLY A 131 -30.34 -19.18 13.38
C GLY A 131 -29.28 -20.15 13.86
N GLU A 132 -28.96 -21.15 13.03
CA GLU A 132 -27.84 -22.10 13.25
C GLU A 132 -27.03 -22.18 11.97
N TYR A 133 -25.71 -21.94 12.03
CA TYR A 133 -24.79 -22.24 10.91
C TYR A 133 -24.41 -23.71 10.98
N GLU A 134 -24.82 -24.48 9.97
CA GLU A 134 -24.41 -25.88 9.74
C GLU A 134 -23.68 -25.95 8.40
N GLY A 135 -22.34 -26.02 8.43
CA GLY A 135 -21.51 -26.02 7.21
C GLY A 135 -20.03 -26.01 7.52
N TRP A 136 -19.22 -25.75 6.50
CA TRP A 136 -17.74 -25.84 6.55
C TRP A 136 -17.15 -24.49 6.94
N TYR A 137 -16.04 -24.51 7.69
CA TYR A 137 -15.29 -23.30 8.12
C TYR A 137 -13.80 -23.61 8.13
N SER A 138 -13.02 -22.68 7.57
CA SER A 138 -11.54 -22.63 7.67
C SER A 138 -11.15 -21.60 8.73
N VAL A 139 -10.59 -22.07 9.85
CA VAL A 139 -10.07 -21.20 10.94
C VAL A 139 -8.94 -20.34 10.36
N PRO A 140 -7.94 -20.91 9.65
CA PRO A 140 -6.84 -20.12 9.09
C PRO A 140 -7.25 -19.03 8.08
N ASP A 141 -8.37 -19.23 7.38
CA ASP A 141 -8.91 -18.25 6.38
C ASP A 141 -10.03 -17.42 7.01
N GLU A 142 -10.49 -17.81 8.21
CA GLU A 142 -11.68 -17.22 8.89
C GLU A 142 -12.79 -17.03 7.86
N THR A 143 -13.05 -18.07 7.06
CA THR A 143 -13.99 -18.02 5.89
C THR A 143 -14.95 -19.22 5.97
N TYR A 144 -16.24 -18.96 5.76
CA TYR A 144 -17.30 -19.99 5.56
C TYR A 144 -17.19 -20.50 4.12
N TYR A 145 -17.31 -21.81 3.92
CA TYR A 145 -17.27 -22.47 2.59
C TYR A 145 -18.50 -23.36 2.41
N THR A 146 -19.07 -23.37 1.21
CA THR A 146 -20.05 -24.39 0.75
C THR A 146 -19.27 -25.67 0.44
N GLU A 147 -19.92 -26.83 0.44
CA GLU A 147 -19.23 -28.14 0.27
C GLU A 147 -18.60 -28.22 -1.13
N SER A 148 -19.19 -27.56 -2.14
CA SER A 148 -18.71 -27.56 -3.54
C SER A 148 -17.42 -26.71 -3.67
N GLN A 149 -17.19 -25.77 -2.74
CA GLN A 149 -16.00 -24.86 -2.74
C GLN A 149 -14.77 -25.60 -2.19
N LEU A 150 -14.96 -26.70 -1.46
CA LEU A 150 -13.85 -27.46 -0.81
C LEU A 150 -12.99 -28.13 -1.89
N VAL A 151 -11.66 -28.06 -1.73
CA VAL A 151 -10.68 -28.80 -2.59
C VAL A 151 -10.27 -30.08 -1.86
N ASP A 152 -9.85 -31.10 -2.62
CA ASP A 152 -9.58 -32.49 -2.15
C ASP A 152 -10.73 -32.93 -1.24
N PRO A 153 -12.00 -32.81 -1.68
CA PRO A 153 -13.13 -33.16 -0.84
C PRO A 153 -13.11 -34.67 -0.57
N GLN A 154 -13.58 -35.07 0.62
CA GLN A 154 -13.66 -36.48 1.06
C GLN A 154 -15.11 -36.92 1.00
N TYR A 155 -15.41 -38.00 0.25
CA TYR A 155 -16.77 -38.52 0.03
C TYR A 155 -16.96 -39.79 0.88
N GLU A 156 -18.14 -39.94 1.46
CA GLU A 156 -18.52 -41.07 2.37
C GLU A 156 -20.01 -41.36 2.18
N ASN A 157 -20.33 -42.50 1.57
CA ASN A 157 -21.72 -42.89 1.19
C ASN A 157 -22.29 -41.81 0.27
N GLY A 158 -21.45 -41.22 -0.60
CA GLY A 158 -21.85 -40.24 -1.64
C GLY A 158 -21.95 -38.81 -1.11
N LYS A 159 -21.54 -38.56 0.14
CA LYS A 159 -21.63 -37.23 0.81
C LYS A 159 -20.23 -36.69 1.11
N ILE A 160 -20.02 -35.39 0.89
CA ILE A 160 -18.77 -34.65 1.29
C ILE A 160 -18.78 -34.53 2.81
N ILE A 161 -17.82 -35.18 3.49
CA ILE A 161 -17.71 -35.24 4.98
C ILE A 161 -16.41 -34.57 5.44
N GLY A 162 -15.68 -33.94 4.51
CA GLY A 162 -14.40 -33.26 4.79
C GLY A 162 -13.79 -32.68 3.53
N GLY A 163 -12.74 -31.86 3.69
CA GLY A 163 -11.99 -31.26 2.57
C GLY A 163 -11.08 -30.14 3.04
N LYS A 164 -10.46 -29.43 2.09
CA LYS A 164 -9.52 -28.32 2.36
C LYS A 164 -10.09 -27.02 1.78
N SER A 165 -9.66 -25.88 2.34
CA SER A 165 -10.01 -24.52 1.86
C SER A 165 -9.44 -24.31 0.46
N PRO A 166 -10.21 -23.72 -0.49
CA PRO A 166 -9.68 -23.37 -1.81
C PRO A 166 -8.69 -22.19 -1.80
N ASP A 167 -8.59 -21.47 -0.68
CA ASP A 167 -7.76 -20.24 -0.53
C ASP A 167 -6.39 -20.62 0.06
N SER A 168 -6.36 -21.24 1.24
CA SER A 168 -5.13 -21.59 1.99
C SER A 168 -4.70 -23.05 1.73
N GLY A 169 -5.67 -23.96 1.52
CA GLY A 169 -5.42 -25.41 1.42
C GLY A 169 -5.31 -26.06 2.79
N HIS A 170 -5.71 -25.36 3.85
CA HIS A 170 -5.83 -25.92 5.24
C HIS A 170 -7.15 -26.67 5.35
N GLU A 171 -7.16 -27.79 6.08
CA GLU A 171 -8.35 -28.64 6.32
C GLU A 171 -9.45 -27.76 6.93
N VAL A 172 -10.68 -27.92 6.48
CA VAL A 172 -11.81 -27.21 7.01
C VAL A 172 -12.47 -28.07 8.09
N GLU A 173 -13.17 -27.43 8.99
CA GLU A 173 -13.88 -28.13 10.02
C GLU A 173 -15.38 -27.94 9.85
N LEU A 174 -16.13 -28.90 10.34
CA LEU A 174 -17.56 -28.84 10.30
C LEU A 174 -18.08 -28.04 11.47
N VAL A 175 -18.87 -27.04 11.17
CA VAL A 175 -19.45 -26.17 12.16
C VAL A 175 -20.95 -26.49 12.26
N LYS A 176 -21.47 -26.57 13.47
CA LYS A 176 -22.91 -26.77 13.75
C LYS A 176 -23.20 -26.14 15.11
N GLU A 177 -23.49 -24.84 15.11
CA GLU A 177 -23.71 -24.06 16.35
C GLU A 177 -24.70 -22.94 16.08
N GLU A 178 -25.35 -22.47 17.15
CA GLU A 178 -26.19 -21.26 17.16
C GLU A 178 -25.36 -20.09 16.63
N SER A 179 -25.92 -19.33 15.69
CA SER A 179 -25.25 -18.20 14.99
C SER A 179 -26.29 -17.17 14.58
N TYR A 180 -26.00 -15.88 14.82
CA TYR A 180 -26.78 -14.74 14.25
C TYR A 180 -26.44 -14.60 12.77
N PHE A 181 -27.47 -14.39 11.96
CA PHE A 181 -27.38 -14.26 10.48
C PHE A 181 -27.74 -12.82 10.08
N PHE A 182 -26.98 -12.27 9.14
CA PHE A 182 -27.19 -10.95 8.50
C PHE A 182 -27.78 -11.20 7.11
N ASN A 183 -29.00 -10.72 6.86
CA ASN A 183 -29.74 -10.94 5.59
C ASN A 183 -29.14 -10.06 4.49
N ILE A 184 -27.99 -10.47 3.94
CA ILE A 184 -27.28 -9.75 2.84
C ILE A 184 -27.95 -10.05 1.50
N SER A 185 -28.76 -11.12 1.44
CA SER A 185 -29.47 -11.59 0.22
C SER A 185 -30.43 -10.50 -0.31
N LYS A 186 -31.08 -9.73 0.57
CA LYS A 186 -32.10 -8.73 0.17
C LYS A 186 -31.42 -7.51 -0.46
N TYR A 187 -30.10 -7.35 -0.32
CA TYR A 187 -29.31 -6.20 -0.85
C TYR A 187 -28.67 -6.55 -2.20
N THR A 188 -28.90 -7.75 -2.75
CA THR A 188 -28.27 -8.25 -3.99
C THR A 188 -28.53 -7.27 -5.15
N ASP A 189 -29.79 -7.03 -5.48
CA ASP A 189 -30.19 -6.18 -6.64
C ASP A 189 -29.60 -4.77 -6.46
N ARG A 190 -29.59 -4.24 -5.23
CA ARG A 190 -29.05 -2.90 -4.92
C ARG A 190 -27.53 -2.89 -5.16
N LEU A 191 -26.84 -3.97 -4.78
CA LEU A 191 -25.37 -4.10 -4.98
C LEU A 191 -25.07 -4.18 -6.49
N LEU A 192 -25.83 -4.99 -7.23
CA LEU A 192 -25.66 -5.13 -8.71
C LEU A 192 -25.95 -3.78 -9.38
N GLU A 193 -26.98 -3.06 -8.92
CA GLU A 193 -27.33 -1.68 -9.39
C GLU A 193 -26.14 -0.75 -9.15
N PHE A 194 -25.50 -0.84 -7.98
CA PHE A 194 -24.33 -0.02 -7.59
C PHE A 194 -23.19 -0.26 -8.59
N TYR A 195 -22.93 -1.53 -8.92
CA TYR A 195 -21.87 -1.96 -9.88
C TYR A 195 -22.19 -1.42 -11.28
N ASP A 196 -23.47 -1.45 -11.67
CA ASP A 196 -23.96 -0.90 -12.96
C ASP A 196 -23.66 0.60 -13.01
N GLN A 197 -23.93 1.32 -11.92
CA GLN A 197 -23.77 2.81 -11.84
C GLN A 197 -22.30 3.18 -11.62
N ASN A 198 -21.49 2.29 -11.02
CA ASN A 198 -20.07 2.55 -10.67
C ASN A 198 -19.20 1.40 -11.16
N PRO A 199 -19.00 1.26 -12.50
CA PRO A 199 -18.23 0.14 -13.05
C PRO A 199 -16.72 0.19 -12.76
N ASP A 200 -16.20 1.35 -12.30
CA ASP A 200 -14.78 1.57 -11.97
C ASP A 200 -14.50 1.31 -10.48
N PHE A 201 -15.46 0.75 -9.73
CA PHE A 201 -15.40 0.66 -8.24
C PHE A 201 -14.20 -0.21 -7.81
N ILE A 202 -14.01 -1.38 -8.43
CA ILE A 202 -12.83 -2.25 -8.18
C ILE A 202 -11.76 -1.93 -9.24
N GLN A 203 -10.55 -1.60 -8.80
CA GLN A 203 -9.36 -1.33 -9.65
C GLN A 203 -8.28 -2.37 -9.33
N PRO A 204 -7.79 -3.15 -10.31
CA PRO A 204 -8.18 -3.00 -11.71
C PRO A 204 -9.55 -3.64 -11.98
N PRO A 205 -10.33 -3.12 -12.95
CA PRO A 205 -11.69 -3.62 -13.20
C PRO A 205 -11.75 -5.09 -13.65
N SER A 206 -10.61 -5.68 -14.03
CA SER A 206 -10.46 -7.10 -14.46
C SER A 206 -10.73 -8.06 -13.30
N ARG A 207 -10.78 -7.57 -12.06
CA ARG A 207 -11.04 -8.40 -10.84
C ARG A 207 -12.55 -8.53 -10.56
N LYS A 208 -13.36 -7.62 -11.12
CA LYS A 208 -14.80 -7.47 -10.79
C LYS A 208 -15.60 -8.71 -11.23
N ASN A 209 -15.51 -9.10 -12.50
CA ASN A 209 -16.39 -10.12 -13.13
C ASN A 209 -16.22 -11.48 -12.43
N GLU A 210 -14.98 -11.92 -12.17
CA GLU A 210 -14.67 -13.20 -11.50
C GLU A 210 -15.34 -13.22 -10.13
N MET A 211 -15.35 -12.09 -9.43
CA MET A 211 -15.88 -11.93 -8.06
C MET A 211 -17.42 -12.02 -8.08
N ILE A 212 -18.07 -11.36 -9.04
CA ILE A 212 -19.55 -11.40 -9.23
C ILE A 212 -19.96 -12.83 -9.59
N ASN A 213 -19.26 -13.46 -10.53
CA ASN A 213 -19.53 -14.85 -11.02
C ASN A 213 -19.35 -15.84 -9.86
N ASN A 214 -18.29 -15.70 -9.07
CA ASN A 214 -17.91 -16.66 -8.00
C ASN A 214 -18.81 -16.51 -6.77
N PHE A 215 -19.21 -15.28 -6.40
CA PHE A 215 -19.74 -14.98 -5.05
C PHE A 215 -21.17 -14.41 -5.07
N ILE A 216 -21.63 -13.79 -6.16
CA ILE A 216 -23.01 -13.19 -6.23
C ILE A 216 -23.92 -14.08 -7.09
N LYS A 217 -23.46 -14.53 -8.26
CA LYS A 217 -24.27 -15.33 -9.21
C LYS A 217 -24.88 -16.54 -8.50
N PRO A 218 -24.12 -17.34 -7.72
CA PRO A 218 -24.67 -18.56 -7.11
C PRO A 218 -25.75 -18.25 -6.06
N GLY A 219 -25.93 -16.98 -5.70
CA GLY A 219 -26.90 -16.49 -4.71
C GLY A 219 -26.21 -16.09 -3.43
N LEU A 220 -26.34 -14.83 -3.03
CA LEU A 220 -25.83 -14.30 -1.74
C LEU A 220 -26.59 -14.99 -0.60
N ALA A 221 -25.97 -16.01 0.01
CA ALA A 221 -26.45 -16.70 1.23
C ALA A 221 -26.36 -15.73 2.41
N ASP A 222 -27.26 -15.84 3.38
CA ASP A 222 -27.24 -15.02 4.61
C ASP A 222 -25.94 -15.33 5.35
N LEU A 223 -25.27 -14.29 5.84
CA LEU A 223 -23.90 -14.39 6.43
C LEU A 223 -24.03 -14.69 7.93
N ALA A 224 -23.38 -15.76 8.38
CA ALA A 224 -23.20 -16.10 9.82
C ALA A 224 -22.24 -15.07 10.42
N VAL A 225 -22.77 -14.12 11.20
CA VAL A 225 -22.03 -12.91 11.68
C VAL A 225 -21.75 -13.01 13.19
N SER A 226 -22.04 -14.15 13.82
CA SER A 226 -21.69 -14.43 15.24
C SER A 226 -21.39 -15.92 15.45
N ARG A 227 -20.70 -16.23 16.54
CA ARG A 227 -20.27 -17.60 16.93
C ARG A 227 -20.45 -17.79 18.44
N THR A 228 -20.77 -19.01 18.86
CA THR A 228 -21.03 -19.40 20.28
C THR A 228 -19.98 -20.38 20.81
N SER A 229 -19.17 -20.98 19.92
CA SER A 229 -18.28 -22.14 20.24
C SER A 229 -16.94 -21.71 20.84
N PHE A 230 -16.56 -20.43 20.71
CA PHE A 230 -15.34 -19.82 21.32
C PHE A 230 -15.69 -18.40 21.75
N ASN A 231 -14.78 -17.70 22.43
CA ASN A 231 -15.10 -16.44 23.13
C ASN A 231 -14.06 -15.33 22.84
N TRP A 232 -13.16 -15.53 21.89
CA TRP A 232 -12.17 -14.47 21.53
C TRP A 232 -12.76 -13.57 20.43
N GLY A 233 -13.42 -12.50 20.85
CA GLY A 233 -13.95 -11.44 19.97
C GLY A 233 -14.89 -10.52 20.71
N VAL A 234 -15.46 -9.54 19.99
CA VAL A 234 -16.51 -8.61 20.53
C VAL A 234 -17.73 -9.46 20.90
N HIS A 235 -18.20 -9.35 22.16
CA HIS A 235 -19.42 -10.03 22.66
C HIS A 235 -20.65 -9.23 22.26
N VAL A 236 -21.68 -9.91 21.73
CA VAL A 236 -22.97 -9.27 21.36
C VAL A 236 -23.62 -8.78 22.66
N PRO A 237 -23.76 -7.45 22.87
CA PRO A 237 -24.25 -6.92 24.14
C PRO A 237 -25.54 -7.57 24.65
N SER A 238 -26.54 -7.75 23.77
CA SER A 238 -27.89 -8.27 24.10
C SER A 238 -27.87 -9.79 24.26
N ASN A 239 -26.81 -10.46 23.78
CA ASN A 239 -26.66 -11.94 23.84
C ASN A 239 -25.18 -12.27 24.03
N PRO A 240 -24.62 -12.02 25.24
CA PRO A 240 -23.17 -12.09 25.47
C PRO A 240 -22.45 -13.40 25.12
N LYS A 241 -23.18 -14.53 25.05
CA LYS A 241 -22.59 -15.86 24.72
C LYS A 241 -22.21 -15.91 23.23
N HIS A 242 -22.71 -14.96 22.44
CA HIS A 242 -22.37 -14.78 21.00
C HIS A 242 -21.18 -13.81 20.87
N VAL A 243 -20.22 -14.16 20.02
CA VAL A 243 -19.04 -13.31 19.67
C VAL A 243 -19.15 -12.93 18.19
N VAL A 244 -18.85 -11.68 17.84
CA VAL A 244 -19.04 -11.14 16.47
C VAL A 244 -18.04 -11.86 15.54
N TYR A 245 -18.50 -12.26 14.36
CA TYR A 245 -17.65 -12.84 13.27
C TYR A 245 -16.52 -11.84 12.96
N VAL A 246 -15.28 -12.33 12.96
CA VAL A 246 -14.04 -11.50 12.91
C VAL A 246 -14.09 -10.54 11.71
N TRP A 247 -14.73 -10.91 10.61
CA TRP A 247 -14.74 -10.11 9.36
C TRP A 247 -15.68 -8.90 9.48
N ILE A 248 -16.82 -9.05 10.16
CA ILE A 248 -17.73 -7.90 10.50
C ILE A 248 -16.95 -6.95 11.40
N ASP A 249 -16.42 -7.50 12.50
CA ASP A 249 -15.50 -6.83 13.47
C ASP A 249 -14.42 -6.06 12.69
N ALA A 250 -13.69 -6.73 11.80
CA ALA A 250 -12.49 -6.18 11.12
C ALA A 250 -12.89 -5.02 10.19
N LEU A 251 -13.93 -5.19 9.37
CA LEU A 251 -14.33 -4.21 8.32
C LEU A 251 -14.68 -2.87 8.97
N VAL A 252 -15.24 -2.89 10.17
CA VAL A 252 -15.69 -1.68 10.92
C VAL A 252 -14.48 -0.79 11.27
N ASN A 253 -13.25 -1.34 11.22
CA ASN A 253 -12.03 -0.59 11.62
C ASN A 253 -11.98 0.75 10.86
N TYR A 254 -12.36 0.75 9.58
CA TYR A 254 -12.21 1.89 8.64
C TYR A 254 -13.01 3.11 9.11
N ILE A 255 -14.11 2.88 9.84
CA ILE A 255 -15.01 3.97 10.34
C ILE A 255 -14.84 4.13 11.86
N SER A 256 -14.59 3.03 12.60
CA SER A 256 -14.36 3.05 14.06
C SER A 256 -13.15 3.94 14.39
N ALA A 257 -12.10 3.88 13.56
CA ALA A 257 -10.85 4.68 13.72
C ALA A 257 -11.15 6.18 13.57
N LEU A 258 -12.23 6.56 12.89
CA LEU A 258 -12.63 7.98 12.64
C LEU A 258 -13.62 8.47 13.70
N GLY A 259 -13.93 7.63 14.70
CA GLY A 259 -14.84 8.00 15.81
C GLY A 259 -16.28 7.99 15.39
N TYR A 260 -16.66 7.10 14.47
CA TYR A 260 -18.06 6.83 14.08
C TYR A 260 -18.82 6.30 15.32
N LEU A 261 -20.03 6.83 15.58
CA LEU A 261 -20.91 6.52 16.74
C LEU A 261 -20.38 7.14 18.04
N SER A 262 -19.31 7.93 18.00
CA SER A 262 -18.77 8.63 19.21
C SER A 262 -19.38 10.04 19.30
N ASP A 263 -19.25 10.66 20.47
CA ASP A 263 -19.80 12.01 20.79
C ASP A 263 -19.46 12.98 19.67
N ASP A 264 -18.18 13.02 19.26
CA ASP A 264 -17.63 13.93 18.23
C ASP A 264 -17.26 13.12 16.98
N GLU A 265 -18.03 13.26 15.90
CA GLU A 265 -17.85 12.55 14.61
C GLU A 265 -17.19 13.48 13.59
N SER A 266 -16.29 14.38 14.04
CA SER A 266 -15.64 15.40 13.18
C SER A 266 -14.64 14.72 12.23
N LEU A 267 -13.84 13.77 12.73
CA LEU A 267 -12.91 12.93 11.92
C LEU A 267 -13.71 12.15 10.87
N PHE A 268 -14.83 11.56 11.28
CA PHE A 268 -15.71 10.71 10.43
C PHE A 268 -16.28 11.55 9.27
N ASN A 269 -16.92 12.66 9.60
CA ASN A 269 -17.60 13.57 8.64
C ASN A 269 -16.57 14.14 7.64
N LYS A 270 -15.31 14.29 8.09
CA LYS A 270 -14.23 14.91 7.29
C LYS A 270 -13.64 13.88 6.30
N TYR A 271 -13.34 12.66 6.75
CA TYR A 271 -12.52 11.69 5.97
C TYR A 271 -13.37 10.57 5.35
N TRP A 272 -14.55 10.26 5.88
CA TRP A 272 -15.44 9.21 5.30
C TRP A 272 -16.36 9.84 4.24
N PRO A 273 -16.58 9.21 3.06
CA PRO A 273 -16.00 7.91 2.71
C PRO A 273 -14.54 7.91 2.24
N ALA A 274 -13.85 6.79 2.48
CA ALA A 274 -12.46 6.51 2.06
C ALA A 274 -12.36 6.64 0.54
N ASP A 275 -11.30 7.30 0.07
CA ASP A 275 -11.00 7.46 -1.38
C ASP A 275 -10.51 6.12 -1.92
N ILE A 276 -9.64 5.43 -1.17
CA ILE A 276 -9.05 4.11 -1.56
C ILE A 276 -8.99 3.19 -0.34
N HIS A 277 -9.53 1.98 -0.49
CA HIS A 277 -9.18 0.78 0.33
C HIS A 277 -8.15 -0.04 -0.45
N LEU A 278 -6.92 -0.18 0.07
CA LEU A 278 -5.87 -1.06 -0.50
C LEU A 278 -6.05 -2.48 0.04
N MET A 279 -5.64 -3.48 -0.76
CA MET A 279 -5.64 -4.93 -0.39
C MET A 279 -5.03 -5.74 -1.53
N ALA A 280 -4.70 -7.00 -1.25
CA ALA A 280 -4.45 -8.03 -2.29
C ALA A 280 -5.79 -8.65 -2.69
N LYS A 281 -5.81 -9.34 -3.84
CA LYS A 281 -7.03 -9.78 -4.57
C LYS A 281 -7.89 -10.73 -3.72
N GLU A 282 -7.31 -11.50 -2.78
CA GLU A 282 -8.01 -12.63 -2.10
C GLU A 282 -9.10 -12.13 -1.14
N ILE A 283 -9.06 -10.87 -0.71
CA ILE A 283 -10.06 -10.29 0.25
C ILE A 283 -10.91 -9.22 -0.43
N VAL A 284 -10.92 -9.17 -1.76
CA VAL A 284 -11.78 -8.23 -2.56
C VAL A 284 -13.24 -8.52 -2.23
N ARG A 285 -13.62 -9.80 -2.10
CA ARG A 285 -15.02 -10.24 -1.87
C ARG A 285 -15.55 -9.58 -0.59
N PHE A 286 -14.74 -9.53 0.47
CA PHE A 286 -15.12 -8.95 1.79
C PHE A 286 -15.34 -7.44 1.64
N HIS A 287 -14.51 -6.76 0.85
CA HIS A 287 -14.49 -5.27 0.71
C HIS A 287 -15.46 -4.81 -0.39
N SER A 288 -15.91 -5.71 -1.26
CA SER A 288 -16.69 -5.40 -2.48
C SER A 288 -18.14 -5.92 -2.40
N ILE A 289 -18.43 -6.83 -1.46
CA ILE A 289 -19.79 -7.41 -1.26
C ILE A 289 -20.25 -7.09 0.17
N ILE A 290 -19.62 -7.71 1.17
CA ILE A 290 -20.05 -7.66 2.59
C ILE A 290 -19.98 -6.21 3.07
N TRP A 291 -18.89 -5.51 2.80
CA TRP A 291 -18.58 -4.14 3.30
C TRP A 291 -19.60 -3.14 2.75
N PRO A 292 -19.79 -3.01 1.42
CA PRO A 292 -20.82 -2.11 0.89
C PRO A 292 -22.24 -2.43 1.38
N ILE A 293 -22.59 -3.72 1.51
CA ILE A 293 -23.94 -4.14 2.02
C ILE A 293 -24.06 -3.73 3.49
N LEU A 294 -23.03 -3.95 4.31
CA LEU A 294 -23.03 -3.48 5.71
C LEU A 294 -23.28 -1.96 5.74
N LEU A 295 -22.59 -1.20 4.88
CA LEU A 295 -22.67 0.29 4.84
C LEU A 295 -24.06 0.73 4.36
N MET A 296 -24.67 -0.01 3.42
CA MET A 296 -26.08 0.22 2.98
C MET A 296 -27.02 0.06 4.18
N ALA A 297 -26.84 -1.01 4.97
CA ALA A 297 -27.69 -1.36 6.13
C ALA A 297 -27.55 -0.30 7.24
N LEU A 298 -26.39 0.38 7.32
CA LEU A 298 -26.14 1.47 8.30
C LEU A 298 -26.48 2.83 7.68
N ASP A 299 -26.89 2.85 6.41
CA ASP A 299 -27.20 4.07 5.62
C ASP A 299 -25.98 5.00 5.64
N LEU A 300 -24.80 4.49 5.26
CA LEU A 300 -23.54 5.27 5.15
C LEU A 300 -23.11 5.30 3.70
N PRO A 301 -22.40 6.36 3.25
CA PRO A 301 -21.84 6.38 1.90
C PRO A 301 -20.81 5.24 1.71
N LEU A 302 -20.71 4.72 0.49
CA LEU A 302 -19.78 3.61 0.15
C LEU A 302 -18.40 4.19 -0.12
N PRO A 303 -17.33 3.37 -0.03
CA PRO A 303 -15.99 3.82 -0.40
C PRO A 303 -15.98 4.19 -1.89
N LYS A 304 -15.12 5.11 -2.29
CA LYS A 304 -15.03 5.60 -3.69
C LYS A 304 -14.39 4.51 -4.57
N LYS A 305 -13.33 3.86 -4.09
CA LYS A 305 -12.57 2.84 -4.86
C LYS A 305 -12.03 1.74 -3.93
N VAL A 306 -12.02 0.50 -4.43
CA VAL A 306 -11.23 -0.64 -3.89
C VAL A 306 -10.09 -0.90 -4.88
N PHE A 307 -8.84 -0.67 -4.45
CA PHE A 307 -7.61 -0.94 -5.25
C PHE A 307 -7.02 -2.27 -4.76
N ALA A 308 -7.16 -3.31 -5.58
CA ALA A 308 -6.72 -4.70 -5.29
C ALA A 308 -5.47 -5.01 -6.13
N HIS A 309 -4.31 -5.05 -5.49
CA HIS A 309 -3.03 -5.41 -6.16
C HIS A 309 -2.90 -6.94 -6.21
N GLY A 310 -1.91 -7.43 -6.95
CA GLY A 310 -1.62 -8.87 -7.09
C GLY A 310 -0.84 -9.40 -5.90
N TRP A 311 -0.47 -10.68 -5.96
CA TRP A 311 0.36 -11.38 -4.96
C TRP A 311 1.84 -11.25 -5.34
N ILE A 312 2.72 -11.07 -4.36
CA ILE A 312 4.16 -11.42 -4.49
C ILE A 312 4.24 -12.95 -4.41
N LEU A 313 4.87 -13.58 -5.40
CA LEU A 313 4.95 -15.06 -5.46
C LEU A 313 6.40 -15.50 -5.20
N MET A 314 6.53 -16.70 -4.63
CA MET A 314 7.79 -17.49 -4.57
C MET A 314 7.63 -18.69 -5.51
N LYS A 315 8.67 -19.52 -5.63
CA LYS A 315 8.72 -20.72 -6.52
C LYS A 315 7.53 -21.65 -6.24
N ASP A 316 7.09 -21.72 -4.97
CA ASP A 316 6.01 -22.63 -4.50
C ASP A 316 4.70 -21.84 -4.30
N GLY A 317 4.54 -20.71 -5.00
CA GLY A 317 3.26 -19.96 -5.09
C GLY A 317 3.24 -18.72 -4.20
N LYS A 318 2.03 -18.24 -3.91
CA LYS A 318 1.75 -17.00 -3.12
C LYS A 318 2.60 -17.02 -1.84
N MET A 319 3.27 -15.90 -1.54
CA MET A 319 4.02 -15.72 -0.27
C MET A 319 2.99 -15.69 0.87
N SER A 320 3.12 -16.60 1.84
CA SER A 320 2.11 -16.83 2.91
C SER A 320 2.81 -16.96 4.27
N LYS A 321 2.36 -16.17 5.24
CA LYS A 321 2.79 -16.20 6.67
C LYS A 321 2.71 -17.63 7.20
N SER A 322 1.52 -18.23 7.13
CA SER A 322 1.21 -19.57 7.67
C SER A 322 2.05 -20.64 6.96
N LYS A 323 2.29 -20.47 5.65
CA LYS A 323 3.08 -21.44 4.87
C LYS A 323 4.55 -21.39 5.32
N GLY A 324 5.16 -20.20 5.29
CA GLY A 324 6.58 -20.00 5.65
C GLY A 324 7.47 -19.74 4.44
N ASN A 325 6.90 -19.76 3.24
CA ASN A 325 7.60 -19.49 1.95
C ASN A 325 7.79 -17.97 1.82
N VAL A 326 8.65 -17.38 2.64
CA VAL A 326 8.62 -15.91 2.91
C VAL A 326 9.99 -15.27 2.66
N VAL A 327 9.97 -13.96 2.44
CA VAL A 327 11.13 -13.04 2.47
C VAL A 327 10.82 -11.96 3.51
N ASP A 328 11.66 -11.85 4.54
CA ASP A 328 11.46 -10.93 5.67
C ASP A 328 11.98 -9.56 5.25
N PRO A 329 11.13 -8.50 5.27
CA PRO A 329 11.58 -7.15 4.90
C PRO A 329 12.69 -6.62 5.82
N ASN A 330 12.70 -7.03 7.09
CA ASN A 330 13.75 -6.69 8.09
C ASN A 330 15.13 -7.08 7.54
N ILE A 331 15.25 -8.26 6.95
CA ILE A 331 16.53 -8.80 6.38
C ILE A 331 16.96 -7.90 5.22
N LEU A 332 16.04 -7.62 4.29
CA LEU A 332 16.31 -6.81 3.07
C LEU A 332 16.79 -5.41 3.49
N ILE A 333 16.13 -4.77 4.46
CA ILE A 333 16.46 -3.38 4.90
C ILE A 333 17.84 -3.39 5.58
N ASP A 334 18.08 -4.33 6.52
CA ASP A 334 19.35 -4.47 7.28
C ASP A 334 20.52 -4.70 6.29
N ARG A 335 20.28 -5.46 5.22
CA ARG A 335 21.35 -5.97 4.31
C ARG A 335 21.57 -4.97 3.17
N TYR A 336 20.52 -4.36 2.62
CA TYR A 336 20.58 -3.54 1.38
C TYR A 336 20.10 -2.10 1.61
N GLY A 337 19.49 -1.79 2.76
CA GLY A 337 19.02 -0.44 3.10
C GLY A 337 17.57 -0.22 2.72
N LEU A 338 16.93 0.80 3.30
CA LEU A 338 15.47 1.05 3.18
C LEU A 338 15.12 1.42 1.73
N ASP A 339 15.83 2.39 1.14
CA ASP A 339 15.57 2.91 -0.23
C ASP A 339 15.48 1.73 -1.22
N ALA A 340 16.43 0.80 -1.15
CA ALA A 340 16.52 -0.38 -2.04
C ALA A 340 15.29 -1.28 -1.86
N THR A 341 14.83 -1.45 -0.61
CA THR A 341 13.69 -2.32 -0.26
C THR A 341 12.39 -1.70 -0.78
N ARG A 342 12.17 -0.41 -0.49
CA ARG A 342 10.95 0.34 -0.93
C ARG A 342 10.95 0.44 -2.46
N TYR A 343 12.09 0.76 -3.08
CA TYR A 343 12.23 0.86 -4.56
C TYR A 343 11.84 -0.47 -5.22
N TYR A 344 12.43 -1.57 -4.74
CA TYR A 344 12.21 -2.93 -5.31
C TYR A 344 10.71 -3.26 -5.34
N LEU A 345 10.06 -3.14 -4.18
CA LEU A 345 8.63 -3.51 -3.98
C LEU A 345 7.75 -2.74 -4.98
N MET A 346 7.95 -1.42 -5.11
CA MET A 346 7.09 -0.54 -5.95
C MET A 346 7.44 -0.71 -7.43
N ARG A 347 8.71 -0.94 -7.77
CA ARG A 347 9.19 -0.96 -9.18
C ARG A 347 9.05 -2.36 -9.78
N GLU A 348 9.57 -3.40 -9.10
CA GLU A 348 9.70 -4.76 -9.66
C GLU A 348 8.33 -5.41 -9.83
N LEU A 349 7.36 -5.03 -9.00
CA LEU A 349 6.05 -5.73 -8.87
C LEU A 349 4.92 -4.78 -9.29
N PRO A 350 4.47 -4.80 -10.57
CA PRO A 350 3.38 -3.91 -10.99
C PRO A 350 2.12 -4.21 -10.19
N PHE A 351 1.39 -3.15 -9.82
CA PHE A 351 0.18 -3.20 -8.96
C PHE A 351 -0.84 -4.17 -9.55
N GLY A 352 -1.05 -4.12 -10.87
CA GLY A 352 -2.17 -4.76 -11.59
C GLY A 352 -1.91 -6.19 -12.02
N SER A 353 -0.82 -6.81 -11.53
CA SER A 353 -0.52 -8.25 -11.79
C SER A 353 0.27 -8.85 -10.61
N ASP A 354 0.46 -10.16 -10.64
CA ASP A 354 1.30 -10.91 -9.65
C ASP A 354 2.75 -10.82 -10.10
N GLY A 355 3.70 -10.97 -9.17
CA GLY A 355 5.15 -10.91 -9.46
C GLY A 355 5.93 -11.88 -8.59
N VAL A 356 6.86 -12.62 -9.19
CA VAL A 356 7.77 -13.57 -8.48
C VAL A 356 8.95 -12.76 -7.92
N PHE A 357 9.24 -12.91 -6.62
CA PHE A 357 10.47 -12.40 -5.98
C PHE A 357 11.63 -13.34 -6.30
N THR A 358 12.79 -12.79 -6.69
CA THR A 358 14.08 -13.50 -6.77
C THR A 358 15.17 -12.60 -6.19
N PRO A 359 16.14 -13.16 -5.43
CA PRO A 359 17.24 -12.36 -4.88
C PRO A 359 18.06 -11.66 -5.97
N GLU A 360 18.15 -12.27 -7.16
CA GLU A 360 18.89 -11.76 -8.34
C GLU A 360 18.23 -10.48 -8.86
N ALA A 361 16.90 -10.50 -9.04
CA ALA A 361 16.11 -9.34 -9.50
C ALA A 361 16.24 -8.21 -8.48
N PHE A 362 16.27 -8.53 -7.17
CA PHE A 362 16.40 -7.54 -6.08
C PHE A 362 17.74 -6.80 -6.20
N VAL A 363 18.85 -7.54 -6.29
CA VAL A 363 20.23 -6.96 -6.36
C VAL A 363 20.38 -6.18 -7.67
N GLU A 364 19.77 -6.66 -8.76
CA GLU A 364 19.85 -6.00 -10.09
C GLU A 364 19.15 -4.63 -10.00
N ARG A 365 17.94 -4.58 -9.44
CA ARG A 365 17.19 -3.32 -9.16
C ARG A 365 18.04 -2.41 -8.28
N THR A 366 18.54 -2.95 -7.18
CA THR A 366 19.33 -2.25 -6.13
C THR A 366 20.59 -1.64 -6.76
N ASN A 367 21.36 -2.43 -7.51
CA ASN A 367 22.71 -2.04 -8.02
C ASN A 367 22.59 -1.21 -9.30
N PHE A 368 21.76 -1.62 -10.25
CA PHE A 368 21.74 -1.05 -11.62
C PHE A 368 20.92 0.26 -11.64
N ASP A 369 19.71 0.26 -11.06
CA ASP A 369 18.80 1.44 -11.06
C ASP A 369 19.26 2.46 -10.02
N LEU A 370 19.43 2.03 -8.76
CA LEU A 370 19.74 2.96 -7.65
C LEU A 370 21.22 3.35 -7.67
N ALA A 371 22.13 2.41 -7.37
CA ALA A 371 23.58 2.70 -7.20
C ALA A 371 24.17 3.23 -8.52
N ASN A 372 23.92 2.58 -9.66
CA ASN A 372 24.53 2.96 -10.95
C ASN A 372 23.79 4.16 -11.56
N ASP A 373 22.55 3.98 -12.04
CA ASP A 373 21.82 5.03 -12.82
C ASP A 373 21.73 6.33 -12.01
N LEU A 374 21.16 6.29 -10.81
CA LEU A 374 20.91 7.50 -9.99
C LEU A 374 22.19 7.87 -9.21
N GLY A 375 22.72 6.94 -8.41
CA GLY A 375 23.91 7.15 -7.58
C GLY A 375 25.05 7.75 -8.37
N ASN A 376 25.39 7.17 -9.53
CA ASN A 376 26.56 7.59 -10.34
C ASN A 376 26.23 8.88 -11.13
N LEU A 377 24.96 9.15 -11.43
CA LEU A 377 24.55 10.43 -12.07
C LEU A 377 24.95 11.59 -11.15
N VAL A 378 24.64 11.49 -9.86
CA VAL A 378 24.89 12.54 -8.84
C VAL A 378 26.41 12.71 -8.67
N ASN A 379 27.14 11.60 -8.51
CA ASN A 379 28.61 11.57 -8.29
C ASN A 379 29.34 12.19 -9.49
N ARG A 380 29.00 11.78 -10.71
CA ARG A 380 29.57 12.34 -11.97
C ARG A 380 29.39 13.87 -11.97
N THR A 381 28.16 14.34 -11.71
CA THR A 381 27.77 15.78 -11.77
C THR A 381 28.60 16.59 -10.76
N ILE A 382 28.58 16.20 -9.47
CA ILE A 382 29.24 16.97 -8.39
C ILE A 382 30.76 16.97 -8.62
N SER A 383 31.33 15.83 -9.02
CA SER A 383 32.77 15.67 -9.36
C SER A 383 33.19 16.71 -10.39
N MET A 384 32.39 16.87 -11.45
CA MET A 384 32.69 17.83 -12.56
C MET A 384 32.55 19.28 -12.05
N VAL A 385 31.55 19.56 -11.21
CA VAL A 385 31.32 20.92 -10.65
C VAL A 385 32.52 21.28 -9.77
N ASN A 386 32.97 20.35 -8.91
CA ASN A 386 34.15 20.50 -8.04
C ASN A 386 35.41 20.70 -8.89
N LYS A 387 35.59 19.91 -9.95
CA LYS A 387 36.80 19.94 -10.80
C LYS A 387 36.85 21.24 -11.61
N TYR A 388 35.75 21.61 -12.28
CA TYR A 388 35.72 22.67 -13.34
C TYR A 388 35.44 24.05 -12.72
N PHE A 389 34.68 24.13 -11.63
CA PHE A 389 34.20 25.42 -11.04
C PHE A 389 34.55 25.51 -9.54
N ASP A 390 35.42 24.62 -9.04
CA ASP A 390 35.85 24.58 -7.62
C ASP A 390 34.64 24.53 -6.68
N GLY A 391 33.55 23.88 -7.11
CA GLY A 391 32.35 23.63 -6.27
C GLY A 391 31.25 24.66 -6.48
N GLU A 392 31.54 25.77 -7.16
CA GLU A 392 30.55 26.85 -7.42
C GLU A 392 29.76 26.52 -8.68
N LEU A 393 28.62 25.83 -8.52
CA LEU A 393 27.67 25.52 -9.61
C LEU A 393 27.15 26.83 -10.21
N PRO A 394 27.45 27.15 -11.48
CA PRO A 394 26.90 28.35 -12.11
C PRO A 394 25.36 28.33 -12.14
N ALA A 395 24.75 29.51 -11.99
CA ALA A 395 23.28 29.69 -11.97
C ALA A 395 22.69 29.33 -13.34
N TYR A 396 21.50 28.72 -13.34
CA TYR A 396 20.71 28.47 -14.58
C TYR A 396 20.42 29.81 -15.25
N GLN A 397 20.67 29.91 -16.57
CA GLN A 397 20.37 31.11 -17.40
C GLN A 397 19.22 30.80 -18.36
N GLY A 398 19.37 29.72 -19.15
CA GLY A 398 18.39 29.29 -20.16
C GLY A 398 18.84 28.01 -20.85
N PRO A 399 18.14 27.57 -21.92
CA PRO A 399 18.58 26.42 -22.71
C PRO A 399 19.63 26.87 -23.74
N LEU A 400 20.88 27.05 -23.31
CA LEU A 400 21.98 27.59 -24.15
C LEU A 400 22.50 26.50 -25.10
N HIS A 401 22.48 25.23 -24.68
CA HIS A 401 22.92 24.07 -25.51
C HIS A 401 21.74 23.63 -26.41
N GLU A 402 22.05 23.18 -27.62
CA GLU A 402 21.05 22.81 -28.66
C GLU A 402 20.21 21.61 -28.22
N LEU A 403 20.68 20.82 -27.25
CA LEU A 403 19.93 19.65 -26.68
C LEU A 403 18.95 20.12 -25.59
N ASP A 404 19.15 21.32 -25.02
CA ASP A 404 18.51 21.76 -23.74
C ASP A 404 17.00 21.91 -23.92
N GLU A 405 16.55 22.65 -24.94
CA GLU A 405 15.11 22.94 -25.19
C GLU A 405 14.30 21.63 -25.12
N GLU A 406 14.76 20.61 -25.85
CA GLU A 406 14.09 19.28 -25.95
C GLU A 406 14.18 18.55 -24.60
N MET A 407 15.31 18.64 -23.89
CA MET A 407 15.51 17.95 -22.59
C MET A 407 14.65 18.62 -21.51
N GLU A 408 14.58 19.95 -21.50
CA GLU A 408 13.73 20.74 -20.57
C GLU A 408 12.26 20.33 -20.78
N ALA A 409 11.84 20.12 -22.04
CA ALA A 409 10.49 19.65 -22.39
C ALA A 409 10.26 18.24 -21.85
N MET A 410 11.27 17.36 -21.95
CA MET A 410 11.21 15.96 -21.44
C MET A 410 11.02 15.99 -19.91
N ALA A 411 11.70 16.91 -19.21
CA ALA A 411 11.59 17.10 -17.75
C ALA A 411 10.11 17.37 -17.39
N LEU A 412 9.48 18.31 -18.10
CA LEU A 412 8.05 18.67 -17.89
C LEU A 412 7.15 17.49 -18.23
N GLU A 413 7.43 16.79 -19.33
CA GLU A 413 6.66 15.62 -19.81
C GLU A 413 6.80 14.46 -18.81
N THR A 414 7.97 14.31 -18.19
CA THR A 414 8.24 13.27 -17.14
C THR A 414 7.28 13.49 -15.97
N VAL A 415 7.16 14.75 -15.51
CA VAL A 415 6.27 15.15 -14.39
C VAL A 415 4.81 14.85 -14.77
N LYS A 416 4.39 15.23 -15.98
CA LYS A 416 3.02 15.01 -16.50
C LYS A 416 2.72 13.51 -16.49
N SER A 417 3.55 12.70 -17.18
CA SER A 417 3.39 11.23 -17.30
C SER A 417 3.37 10.59 -15.91
N TYR A 418 4.33 10.95 -15.06
CA TYR A 418 4.48 10.49 -13.65
C TYR A 418 3.13 10.65 -12.93
N THR A 419 2.56 11.86 -13.01
CA THR A 419 1.26 12.23 -12.39
C THR A 419 0.16 11.25 -12.83
N GLU A 420 0.10 10.96 -14.14
CA GLU A 420 -0.96 10.10 -14.75
C GLU A 420 -0.87 8.70 -14.14
N SER A 421 0.35 8.15 -14.03
CA SER A 421 0.63 6.81 -13.45
C SER A 421 0.22 6.79 -11.97
N MET A 422 0.62 7.82 -11.21
CA MET A 422 0.38 7.91 -9.75
C MET A 422 -1.13 7.95 -9.45
N GLU A 423 -1.92 8.65 -10.27
CA GLU A 423 -3.39 8.82 -10.09
C GLU A 423 -4.11 7.48 -10.27
N SER A 424 -3.53 6.54 -11.04
CA SER A 424 -4.10 5.18 -11.28
C SER A 424 -3.34 4.11 -10.48
N LEU A 425 -2.48 4.53 -9.54
CA LEU A 425 -1.67 3.65 -8.64
C LEU A 425 -0.77 2.71 -9.46
N GLN A 426 -0.29 3.16 -10.63
CA GLN A 426 0.66 2.40 -11.48
C GLN A 426 2.09 2.77 -11.08
N PHE A 427 2.50 2.38 -9.87
CA PHE A 427 3.77 2.76 -9.21
C PHE A 427 4.97 2.39 -10.09
N SER A 428 4.97 1.17 -10.64
CA SER A 428 6.07 0.59 -11.45
C SER A 428 6.28 1.43 -12.73
N VAL A 429 5.21 2.01 -13.28
CA VAL A 429 5.24 2.83 -14.53
C VAL A 429 5.77 4.22 -14.19
N ALA A 430 5.26 4.84 -13.12
CA ALA A 430 5.76 6.13 -12.57
C ALA A 430 7.29 6.05 -12.41
N LEU A 431 7.79 4.98 -11.78
CA LEU A 431 9.23 4.77 -11.49
C LEU A 431 9.99 4.53 -12.79
N SER A 432 9.44 3.74 -13.70
CA SER A 432 10.05 3.47 -15.04
CA SER A 432 10.03 3.48 -15.04
C SER A 432 10.21 4.80 -15.79
N THR A 433 9.18 5.66 -15.74
CA THR A 433 9.14 6.98 -16.42
C THR A 433 10.19 7.91 -15.79
N VAL A 434 10.36 7.90 -14.47
CA VAL A 434 11.40 8.69 -13.78
C VAL A 434 12.78 8.22 -14.27
N TRP A 435 12.99 6.91 -14.42
CA TRP A 435 14.31 6.31 -14.74
C TRP A 435 14.67 6.53 -16.22
N LYS A 436 13.67 6.64 -17.09
CA LYS A 436 13.88 7.07 -18.51
C LYS A 436 14.56 8.44 -18.51
N PHE A 437 14.13 9.34 -17.62
CA PHE A 437 14.67 10.71 -17.48
C PHE A 437 16.07 10.68 -16.86
N ILE A 438 16.26 9.88 -15.80
CA ILE A 438 17.58 9.70 -15.12
C ILE A 438 18.60 9.15 -16.13
N SER A 439 18.19 8.19 -16.96
CA SER A 439 19.00 7.60 -18.07
C SER A 439 19.37 8.70 -19.08
N ARG A 440 18.39 9.52 -19.49
CA ARG A 440 18.61 10.58 -20.50
C ARG A 440 19.56 11.64 -19.92
N THR A 441 19.51 11.90 -18.61
CA THR A 441 20.41 12.86 -17.92
C THR A 441 21.85 12.33 -17.97
N ASN A 442 22.04 11.04 -17.69
CA ASN A 442 23.35 10.36 -17.83
C ASN A 442 23.83 10.51 -19.28
N LYS A 443 22.92 10.32 -20.25
CA LYS A 443 23.21 10.40 -21.69
C LYS A 443 23.57 11.85 -22.07
N TYR A 444 22.97 12.85 -21.39
CA TYR A 444 23.28 14.29 -21.58
C TYR A 444 24.78 14.53 -21.37
N ILE A 445 25.37 13.89 -20.35
CA ILE A 445 26.84 13.99 -20.06
C ILE A 445 27.59 13.46 -21.28
N ASP A 446 27.25 12.25 -21.73
CA ASP A 446 27.90 11.56 -22.87
C ASP A 446 27.81 12.43 -24.12
N GLU A 447 26.67 13.06 -24.36
CA GLU A 447 26.37 13.88 -25.58
C GLU A 447 27.13 15.20 -25.55
N THR A 448 27.19 15.86 -24.38
CA THR A 448 27.74 17.25 -24.23
C THR A 448 29.25 17.20 -24.01
N THR A 449 29.80 16.04 -23.64
CA THR A 449 31.26 15.83 -23.35
C THR A 449 31.82 17.08 -22.67
N PRO A 450 31.31 17.45 -21.47
CA PRO A 450 31.71 18.70 -20.83
C PRO A 450 33.22 18.86 -20.61
N TRP A 451 33.96 17.76 -20.50
CA TRP A 451 35.44 17.75 -20.35
C TRP A 451 36.10 18.47 -21.54
N VAL A 452 35.51 18.37 -22.73
CA VAL A 452 35.97 19.08 -23.96
C VAL A 452 35.79 20.59 -23.77
N LEU A 453 34.68 21.01 -23.16
CA LEU A 453 34.32 22.44 -22.94
C LEU A 453 35.28 23.06 -21.93
N ALA A 454 35.79 22.28 -20.98
CA ALA A 454 36.69 22.73 -19.88
C ALA A 454 38.04 23.19 -20.44
N LYS A 455 38.38 22.80 -21.66
CA LYS A 455 39.65 23.19 -22.35
C LYS A 455 39.75 24.71 -22.48
N ASP A 456 38.87 25.32 -23.28
CA ASP A 456 38.88 26.77 -23.60
C ASP A 456 37.96 27.52 -22.63
N ASP A 457 38.28 28.80 -22.36
CA ASP A 457 37.51 29.69 -21.45
C ASP A 457 36.35 30.33 -22.22
N SER A 458 36.37 30.22 -23.56
CA SER A 458 35.28 30.67 -24.46
C SER A 458 34.02 29.82 -24.25
N GLN A 459 34.20 28.57 -23.80
CA GLN A 459 33.12 27.57 -23.58
C GLN A 459 32.80 27.46 -22.08
N LYS A 460 33.35 28.33 -21.23
CA LYS A 460 33.13 28.32 -19.77
C LYS A 460 31.64 28.56 -19.47
N ASP A 461 30.99 29.41 -20.26
CA ASP A 461 29.53 29.73 -20.15
C ASP A 461 28.72 28.47 -20.46
N MET A 462 29.02 27.80 -21.58
CA MET A 462 28.32 26.57 -22.05
C MET A 462 28.55 25.45 -21.02
N LEU A 463 29.78 25.29 -20.54
CA LEU A 463 30.14 24.27 -19.52
C LEU A 463 29.27 24.48 -18.28
N GLY A 464 29.16 25.73 -17.82
CA GLY A 464 28.28 26.13 -16.70
C GLY A 464 26.84 25.75 -16.97
N ASN A 465 26.38 25.99 -18.20
CA ASN A 465 24.99 25.67 -18.66
C ASN A 465 24.76 24.15 -18.56
N VAL A 466 25.73 23.34 -18.98
CA VAL A 466 25.65 21.85 -18.93
C VAL A 466 25.52 21.42 -17.47
N MET A 467 26.37 21.96 -16.58
CA MET A 467 26.37 21.64 -15.13
C MET A 467 25.00 22.00 -14.54
N ALA A 468 24.45 23.17 -14.89
CA ALA A 468 23.16 23.69 -14.38
C ALA A 468 22.01 22.78 -14.81
N HIS A 469 22.10 22.17 -16.00
CA HIS A 469 21.05 21.27 -16.56
C HIS A 469 21.13 19.90 -15.87
N LEU A 470 22.34 19.39 -15.63
CA LEU A 470 22.55 18.11 -14.89
C LEU A 470 21.91 18.22 -13.51
N VAL A 471 22.15 19.33 -12.80
CA VAL A 471 21.70 19.54 -11.40
C VAL A 471 20.18 19.72 -11.38
N GLU A 472 19.62 20.52 -12.30
CA GLU A 472 18.15 20.77 -12.36
C GLU A 472 17.44 19.44 -12.67
N ASN A 473 17.98 18.66 -13.62
CA ASN A 473 17.47 17.30 -13.96
C ASN A 473 17.46 16.43 -12.70
N ILE A 474 18.57 16.40 -11.96
CA ILE A 474 18.70 15.61 -10.70
C ILE A 474 17.62 16.08 -9.71
N ARG A 475 17.42 17.39 -9.61
CA ARG A 475 16.43 18.00 -8.66
C ARG A 475 15.03 17.46 -9.00
N TYR A 476 14.66 17.45 -10.28
CA TYR A 476 13.37 16.91 -10.79
C TYR A 476 13.19 15.47 -10.30
N ALA A 477 14.16 14.60 -10.58
CA ALA A 477 14.16 13.18 -10.17
C ALA A 477 14.02 13.07 -8.64
N ALA A 478 14.77 13.86 -7.88
CA ALA A 478 14.77 13.84 -6.39
C ALA A 478 13.36 14.16 -5.87
N VAL A 479 12.70 15.19 -6.40
CA VAL A 479 11.35 15.64 -5.95
C VAL A 479 10.31 14.56 -6.28
N LEU A 480 10.37 13.98 -7.48
CA LEU A 480 9.41 12.94 -7.95
C LEU A 480 9.58 11.66 -7.13
N LEU A 481 10.77 11.43 -6.54
CA LEU A 481 11.09 10.20 -5.78
C LEU A 481 10.79 10.35 -4.28
N ARG A 482 10.36 11.53 -3.82
CA ARG A 482 10.13 11.81 -2.37
C ARG A 482 9.06 10.89 -1.81
N PRO A 483 7.94 10.62 -2.52
CA PRO A 483 6.95 9.65 -2.04
C PRO A 483 7.50 8.21 -1.91
N PHE A 484 8.49 7.85 -2.73
CA PHE A 484 8.99 6.47 -2.93
C PHE A 484 10.17 6.18 -2.00
N LEU A 485 11.17 7.07 -2.00
CA LEU A 485 12.45 6.94 -1.27
C LEU A 485 12.54 8.05 -0.22
N THR A 486 12.75 7.68 1.05
CA THR A 486 12.71 8.60 2.21
C THR A 486 14.14 9.09 2.54
N HIS A 487 15.18 8.46 2.00
CA HIS A 487 16.60 8.80 2.28
C HIS A 487 17.24 9.54 1.12
N ALA A 488 17.21 8.96 -0.08
CA ALA A 488 18.00 9.41 -1.27
C ALA A 488 17.72 10.89 -1.57
N PRO A 489 16.44 11.33 -1.70
CA PRO A 489 16.14 12.71 -2.05
C PRO A 489 16.77 13.75 -1.10
N LYS A 490 16.65 13.53 0.22
CA LYS A 490 17.23 14.42 1.26
C LYS A 490 18.76 14.47 1.09
N GLU A 491 19.39 13.31 0.91
CA GLU A 491 20.87 13.17 0.73
C GLU A 491 21.30 13.96 -0.51
N ILE A 492 20.54 13.86 -1.60
CA ILE A 492 20.85 14.53 -2.91
C ILE A 492 20.78 16.06 -2.72
N PHE A 493 19.72 16.56 -2.08
CA PHE A 493 19.53 18.01 -1.80
C PHE A 493 20.68 18.52 -0.93
N GLU A 494 21.08 17.76 0.09
CA GLU A 494 22.19 18.11 1.02
C GLU A 494 23.49 18.26 0.24
N GLN A 495 23.86 17.24 -0.56
CA GLN A 495 25.15 17.18 -1.30
C GLN A 495 25.19 18.27 -2.38
N LEU A 496 24.05 18.60 -2.99
CA LEU A 496 23.93 19.68 -4.00
C LEU A 496 23.77 21.05 -3.31
N ASN A 497 23.56 21.04 -1.99
CA ASN A 497 23.42 22.27 -1.16
C ASN A 497 22.19 23.06 -1.62
N ILE A 498 21.14 22.34 -2.05
CA ILE A 498 19.79 22.92 -2.33
C ILE A 498 19.01 22.92 -1.01
N ASN A 499 18.87 24.10 -0.39
CA ASN A 499 18.39 24.27 1.01
C ASN A 499 16.99 24.89 1.04
N ASN A 500 16.54 25.48 -0.07
CA ASN A 500 15.17 26.05 -0.22
C ASN A 500 14.17 24.89 -0.19
N PRO A 501 13.34 24.75 0.88
CA PRO A 501 12.39 23.65 0.98
C PRO A 501 11.34 23.66 -0.16
N GLN A 502 11.07 24.84 -0.71
CA GLN A 502 10.12 25.04 -1.84
C GLN A 502 10.68 24.37 -3.10
N PHE A 503 12.00 24.24 -3.23
CA PHE A 503 12.68 23.58 -4.38
C PHE A 503 12.67 22.05 -4.21
N MET A 504 12.00 21.55 -3.16
CA MET A 504 11.81 20.09 -2.91
C MET A 504 10.33 19.72 -3.11
N GLU A 505 9.48 20.65 -3.56
CA GLU A 505 8.02 20.46 -3.70
C GLU A 505 7.64 20.39 -5.18
N PHE A 506 6.47 19.81 -5.48
CA PHE A 506 5.98 19.54 -6.86
C PHE A 506 5.80 20.85 -7.64
N SER A 507 5.38 21.94 -6.97
CA SER A 507 5.10 23.25 -7.61
C SER A 507 6.37 23.83 -8.25
N SER A 508 7.55 23.58 -7.66
CA SER A 508 8.86 24.06 -8.16
C SER A 508 9.26 23.35 -9.47
N LEU A 509 8.56 22.28 -9.86
CA LEU A 509 8.80 21.54 -11.13
C LEU A 509 7.97 22.15 -12.28
N GLU A 510 7.14 23.15 -12.00
CA GLU A 510 6.20 23.74 -12.99
C GLU A 510 6.99 24.51 -14.05
N GLN A 511 8.09 25.18 -13.67
CA GLN A 511 8.99 25.87 -14.64
C GLN A 511 10.44 25.42 -14.38
N TYR A 512 11.09 24.91 -15.43
CA TYR A 512 12.48 24.40 -15.42
C TYR A 512 13.45 25.56 -15.16
N GLY A 513 14.43 25.33 -14.28
CA GLY A 513 15.59 26.21 -14.07
C GLY A 513 15.39 27.19 -12.92
N VAL A 514 15.06 26.70 -11.73
CA VAL A 514 14.75 27.52 -10.53
C VAL A 514 16.04 28.03 -9.87
N LEU A 515 17.18 27.35 -10.08
CA LEU A 515 18.47 27.69 -9.42
C LEU A 515 19.17 28.82 -10.21
N ASN A 516 18.66 30.05 -10.10
CA ASN A 516 19.13 31.22 -10.88
C ASN A 516 20.13 32.03 -10.04
N GLU A 517 20.53 31.52 -8.88
CA GLU A 517 21.71 31.97 -8.10
C GLU A 517 22.74 30.84 -8.08
N SER A 518 24.04 31.17 -8.06
CA SER A 518 25.16 30.20 -7.96
C SER A 518 25.09 29.49 -6.59
N ILE A 519 25.52 28.23 -6.53
CA ILE A 519 25.45 27.38 -5.29
C ILE A 519 26.80 26.67 -5.12
N MET A 520 27.34 26.68 -3.91
CA MET A 520 28.52 25.85 -3.52
C MET A 520 28.01 24.44 -3.18
N VAL A 521 28.25 23.47 -4.05
CA VAL A 521 27.90 22.03 -3.81
C VAL A 521 28.92 21.48 -2.80
N THR A 522 28.65 20.30 -2.22
CA THR A 522 29.54 19.67 -1.21
C THR A 522 30.93 19.44 -1.82
N GLY A 523 31.97 19.73 -1.05
CA GLY A 523 33.38 19.47 -1.41
C GLY A 523 33.77 18.04 -1.08
N GLN A 524 32.89 17.30 -0.40
CA GLN A 524 33.12 15.90 0.06
C GLN A 524 31.94 15.04 -0.37
N PRO A 525 31.79 14.73 -1.67
CA PRO A 525 30.68 13.90 -2.15
C PRO A 525 30.77 12.50 -1.51
N LYS A 526 29.65 11.99 -1.00
CA LYS A 526 29.52 10.63 -0.43
C LYS A 526 28.52 9.86 -1.28
N PRO A 527 28.60 8.51 -1.33
CA PRO A 527 27.67 7.72 -2.15
C PRO A 527 26.24 7.92 -1.64
N ILE A 528 25.31 8.24 -2.55
CA ILE A 528 23.86 8.42 -2.26
C ILE A 528 23.32 7.12 -1.67
N PHE A 529 23.77 5.97 -2.18
CA PHE A 529 23.29 4.61 -1.80
C PHE A 529 24.43 3.82 -1.15
N PRO A 530 24.15 2.80 -0.29
CA PRO A 530 22.79 2.42 0.09
C PRO A 530 22.13 3.44 1.03
#